data_4ZVU
#
_entry.id   4ZVU
#
_cell.length_a   88.259
_cell.length_b   88.259
_cell.length_c   187.023
_cell.angle_alpha   90.000
_cell.angle_beta   90.000
_cell.angle_gamma   120.000
#
_symmetry.space_group_name_H-M   'P 32 2 1'
#
loop_
_entity.id
_entity.type
_entity.pdbx_description
1 polymer Caspase-7
2 polymer Caspase-7
3 polymer 'Tetrapeptide Inhibitor Ac-VEID-CHO'
4 water water
#
loop_
_entity_poly.entity_id
_entity_poly.type
_entity_poly.pdbx_seq_one_letter_code
_entity_poly.pdbx_strand_id
1 'polypeptide(L)'
;MADDQGCIEEQGVEDSANEDSVDAKPDRSSFVPSLFSKKKKNVTMRSIKTTRDRVPTYQYNMNFEKLGKCIIINNKNFDK
VTGMGVRNGTDKDAEALFKCFRSLGFDVIVYNDCSCAKMQDLLKKASEEDHTNAACFACILLSHGEENVIYGKDGVTPIK
DLTAHFRGDRCKTLLEKPKLFFIQACRGTELDDGIQAD
;
A,C
2 'polypeptide(L)'
;SGPINDTDANPRYKIPVEADFLFAYSTVPGYYSWRSPGRGSWFVQALCSILEEHGKDLEIMQILTRVNDRVARHFESQSD
DPHFHEKKQIPCVVSMLTKELYFSQLEHHHHHH
;
B,D
3 'polypeptide(L)' (ACE)VEI(ASJ) E,F
#
# COMPACT_ATOMS: atom_id res chain seq x y z
N TYR A 58 -4.50 -14.94 14.27
CA TYR A 58 -4.31 -14.51 12.89
C TYR A 58 -5.33 -13.46 12.49
N GLN A 59 -6.27 -13.20 13.40
CA GLN A 59 -7.31 -12.20 13.16
C GLN A 59 -7.32 -11.20 14.30
N TYR A 60 -7.58 -9.94 13.98
CA TYR A 60 -7.74 -8.92 15.03
C TYR A 60 -8.90 -9.30 15.94
N ASN A 61 -8.71 -9.14 17.24
CA ASN A 61 -9.76 -9.43 18.21
C ASN A 61 -10.90 -8.42 18.11
N MET A 62 -12.08 -8.90 17.73
CA MET A 62 -13.25 -8.04 17.59
C MET A 62 -14.20 -8.09 18.77
N ASN A 63 -13.84 -8.80 19.84
CA ASN A 63 -14.74 -8.95 20.96
C ASN A 63 -14.62 -7.75 21.90
N PHE A 64 -15.26 -6.66 21.50
CA PHE A 64 -15.31 -5.43 22.28
C PHE A 64 -16.75 -4.93 22.31
N GLU A 65 -17.05 -4.00 23.21
CA GLU A 65 -18.37 -3.41 23.29
C GLU A 65 -18.75 -2.66 22.00
N LYS A 66 -17.77 -1.96 21.44
CA LYS A 66 -18.01 -1.17 20.25
C LYS A 66 -17.04 -1.55 19.13
N LEU A 67 -17.51 -1.43 17.90
CA LEU A 67 -16.65 -1.62 16.74
C LEU A 67 -15.64 -0.49 16.73
N GLY A 68 -16.13 0.73 16.89
CA GLY A 68 -15.29 1.89 17.06
C GLY A 68 -15.88 3.15 16.47
N LYS A 69 -15.16 4.25 16.61
CA LYS A 69 -15.61 5.53 16.06
C LYS A 69 -15.28 5.62 14.57
N CYS A 70 -16.17 6.21 13.80
CA CYS A 70 -15.91 6.47 12.40
C CYS A 70 -16.15 7.93 12.05
N ILE A 71 -15.08 8.65 11.74
CA ILE A 71 -15.18 10.05 11.38
C ILE A 71 -15.22 10.22 9.86
N ILE A 72 -16.26 10.87 9.37
CA ILE A 72 -16.34 11.21 7.96
C ILE A 72 -16.18 12.72 7.78
N ILE A 73 -15.14 13.11 7.06
CA ILE A 73 -14.96 14.52 6.72
C ILE A 73 -15.41 14.75 5.28
N ASN A 74 -16.53 15.45 5.14
CA ASN A 74 -17.14 15.66 3.83
C ASN A 74 -16.97 17.11 3.38
N ASN A 75 -15.87 17.38 2.69
CA ASN A 75 -15.56 18.73 2.23
C ASN A 75 -16.11 19.00 0.83
N LYS A 76 -17.12 19.87 0.76
CA LYS A 76 -17.80 20.17 -0.49
C LYS A 76 -17.48 21.56 -1.01
N ASN A 77 -17.52 22.55 -0.12
CA ASN A 77 -17.38 23.94 -0.50
C ASN A 77 -16.05 24.50 -0.01
N PHE A 78 -15.37 25.25 -0.87
CA PHE A 78 -14.03 25.72 -0.55
C PHE A 78 -13.86 27.22 -0.72
N ASP A 79 -13.08 27.81 0.19
CA ASP A 79 -12.71 29.21 0.09
C ASP A 79 -12.07 29.51 -1.26
N LYS A 80 -12.53 30.57 -1.89
CA LYS A 80 -12.13 30.97 -3.26
C LYS A 80 -10.61 31.14 -3.36
N VAL A 81 -9.99 31.56 -2.26
CA VAL A 81 -8.54 31.68 -2.17
C VAL A 81 -7.80 30.38 -2.52
N THR A 82 -8.46 29.24 -2.28
CA THR A 82 -7.87 27.95 -2.61
C THR A 82 -7.99 27.66 -4.10
N GLY A 83 -8.92 28.35 -4.77
CA GLY A 83 -9.12 28.17 -6.19
C GLY A 83 -9.81 26.88 -6.58
N MET A 84 -10.34 26.15 -5.60
CA MET A 84 -10.92 24.84 -5.86
C MET A 84 -12.44 24.91 -6.00
N GLY A 85 -12.98 24.17 -6.96
CA GLY A 85 -14.40 24.17 -7.23
C GLY A 85 -15.24 23.26 -6.34
N VAL A 86 -16.55 23.50 -6.35
CA VAL A 86 -17.51 22.70 -5.60
C VAL A 86 -17.48 21.23 -5.98
N ARG A 87 -17.42 20.35 -4.99
CA ARG A 87 -17.34 18.91 -5.22
C ARG A 87 -18.73 18.28 -5.23
N ASN A 88 -19.50 18.54 -6.28
CA ASN A 88 -20.84 17.99 -6.42
C ASN A 88 -20.83 16.46 -6.43
N GLY A 89 -21.78 15.86 -5.72
CA GLY A 89 -21.85 14.42 -5.61
C GLY A 89 -21.29 13.87 -4.31
N THR A 90 -20.51 14.68 -3.61
CA THR A 90 -19.87 14.24 -2.38
C THR A 90 -20.86 13.97 -1.24
N ASP A 91 -22.00 14.64 -1.27
CA ASP A 91 -23.05 14.38 -0.29
C ASP A 91 -23.63 12.98 -0.47
N LYS A 92 -23.79 12.57 -1.71
CA LYS A 92 -24.27 11.22 -2.00
C LYS A 92 -23.26 10.18 -1.53
N ASP A 93 -21.97 10.48 -1.70
CA ASP A 93 -20.91 9.66 -1.13
C ASP A 93 -21.02 9.53 0.38
N ALA A 94 -21.07 10.67 1.06
CA ALA A 94 -21.05 10.70 2.52
C ALA A 94 -22.24 9.98 3.15
N GLU A 95 -23.42 10.16 2.56
CA GLU A 95 -24.61 9.49 3.04
C GLU A 95 -24.49 7.97 2.87
N ALA A 96 -24.03 7.55 1.70
CA ALA A 96 -23.88 6.13 1.41
C ALA A 96 -22.83 5.52 2.35
N LEU A 97 -21.76 6.25 2.57
CA LEU A 97 -20.70 5.82 3.48
C LEU A 97 -21.25 5.76 4.90
N PHE A 98 -22.07 6.74 5.27
CA PHE A 98 -22.67 6.78 6.59
C PHE A 98 -23.48 5.51 6.86
N LYS A 99 -24.34 5.13 5.90
CA LYS A 99 -25.15 3.92 6.05
C LYS A 99 -24.31 2.64 6.12
N CYS A 100 -23.37 2.49 5.20
CA CYS A 100 -22.53 1.30 5.16
C CYS A 100 -21.75 1.09 6.45
N PHE A 101 -21.05 2.13 6.90
CA PHE A 101 -20.20 2.01 8.08
C PHE A 101 -21.03 1.95 9.36
N ARG A 102 -22.21 2.56 9.32
CA ARG A 102 -23.17 2.40 10.40
C ARG A 102 -23.60 0.95 10.48
N SER A 103 -23.86 0.36 9.31
CA SER A 103 -24.29 -1.02 9.21
C SER A 103 -23.22 -1.99 9.70
N LEU A 104 -21.96 -1.62 9.51
CA LEU A 104 -20.85 -2.42 10.01
C LEU A 104 -20.84 -2.42 11.54
N GLY A 105 -21.30 -1.33 12.13
CA GLY A 105 -21.31 -1.19 13.58
C GLY A 105 -20.53 -0.01 14.10
N PHE A 106 -20.07 0.86 13.20
CA PHE A 106 -19.33 2.04 13.62
C PHE A 106 -20.25 3.12 14.16
N ASP A 107 -19.76 3.90 15.12
CA ASP A 107 -20.46 5.09 15.58
C ASP A 107 -20.03 6.27 14.73
N VAL A 108 -20.79 6.54 13.68
CA VAL A 108 -20.39 7.48 12.64
C VAL A 108 -20.83 8.91 12.89
N ILE A 109 -19.92 9.85 12.66
CA ILE A 109 -20.23 11.28 12.70
C ILE A 109 -19.66 11.95 11.45
N VAL A 110 -20.47 12.75 10.77
CA VAL A 110 -20.03 13.43 9.56
C VAL A 110 -19.82 14.92 9.79
N TYR A 111 -18.61 15.40 9.49
CA TYR A 111 -18.31 16.81 9.62
C TYR A 111 -18.19 17.41 8.22
N ASN A 112 -18.74 18.61 8.03
CA ASN A 112 -18.82 19.19 6.69
C ASN A 112 -18.02 20.47 6.52
N ASP A 113 -17.42 20.59 5.34
CA ASP A 113 -16.60 21.75 4.96
C ASP A 113 -15.67 22.19 6.08
N CYS A 114 -14.74 21.32 6.43
CA CYS A 114 -13.83 21.58 7.54
C CYS A 114 -12.59 22.35 7.09
N SER A 115 -12.14 23.26 7.93
CA SER A 115 -10.87 23.93 7.69
C SER A 115 -9.74 22.96 8.03
N CYS A 116 -8.51 23.34 7.68
CA CYS A 116 -7.35 22.49 7.96
C CYS A 116 -7.17 22.32 9.46
N ALA A 117 -7.31 23.41 10.20
CA ALA A 117 -7.18 23.37 11.65
C ALA A 117 -8.30 22.54 12.27
N LYS A 118 -9.49 22.66 11.69
CA LYS A 118 -10.62 21.85 12.12
C LYS A 118 -10.34 20.37 11.95
N MET A 119 -9.89 19.99 10.76
CA MET A 119 -9.54 18.61 10.46
C MET A 119 -8.42 18.13 11.40
N GLN A 120 -7.43 18.99 11.61
CA GLN A 120 -6.34 18.67 12.52
C GLN A 120 -6.86 18.44 13.93
N ASP A 121 -7.75 19.32 14.38
CA ASP A 121 -8.30 19.25 15.72
C ASP A 121 -9.18 18.02 15.91
N LEU A 122 -10.05 17.76 14.94
CA LEU A 122 -10.95 16.59 14.99
C LEU A 122 -10.20 15.28 15.23
N LEU A 123 -9.16 15.06 14.43
CA LEU A 123 -8.37 13.84 14.54
C LEU A 123 -7.50 13.81 15.80
N LYS A 124 -7.01 14.97 16.20
CA LYS A 124 -6.22 15.07 17.43
C LYS A 124 -7.08 14.69 18.63
N LYS A 125 -8.31 15.23 18.66
CA LYS A 125 -9.24 14.97 19.76
C LYS A 125 -9.60 13.49 19.85
N ALA A 126 -9.85 12.88 18.69
CA ALA A 126 -10.20 11.47 18.61
C ALA A 126 -9.09 10.57 19.11
N SER A 127 -7.84 10.96 18.85
CA SER A 127 -6.68 10.19 19.30
C SER A 127 -6.55 10.25 20.81
N GLU A 128 -7.05 11.34 21.40
CA GLU A 128 -6.98 11.54 22.84
C GLU A 128 -8.16 10.91 23.59
N GLU A 129 -9.21 10.53 22.86
CA GLU A 129 -10.33 9.81 23.47
C GLU A 129 -9.90 8.42 23.96
N ASP A 130 -10.78 7.78 24.73
CA ASP A 130 -10.48 6.47 25.30
C ASP A 130 -11.13 5.36 24.46
N HIS A 131 -10.30 4.64 23.72
CA HIS A 131 -10.78 3.60 22.81
C HIS A 131 -10.67 2.19 23.40
N THR A 132 -10.62 2.12 24.73
CA THR A 132 -10.37 0.85 25.42
C THR A 132 -11.44 -0.20 25.08
N ASN A 133 -12.67 0.25 24.90
CA ASN A 133 -13.77 -0.64 24.60
C ASN A 133 -14.09 -0.70 23.11
N ALA A 134 -13.17 -0.21 22.28
CA ALA A 134 -13.37 -0.21 20.84
C ALA A 134 -12.46 -1.23 20.16
N ALA A 135 -12.99 -1.90 19.14
CA ALA A 135 -12.21 -2.86 18.36
C ALA A 135 -11.25 -2.16 17.41
N CYS A 136 -11.67 -1.04 16.85
CA CYS A 136 -10.86 -0.32 15.87
C CYS A 136 -11.29 1.13 15.71
N PHE A 137 -10.59 1.85 14.85
CA PHE A 137 -10.94 3.22 14.49
C PHE A 137 -10.98 3.36 12.98
N ALA A 138 -11.90 4.18 12.48
CA ALA A 138 -12.00 4.43 11.04
C ALA A 138 -12.15 5.93 10.77
N CYS A 139 -11.49 6.39 9.73
CA CYS A 139 -11.65 7.77 9.29
C CYS A 139 -11.80 7.83 7.77
N ILE A 140 -12.77 8.61 7.31
CA ILE A 140 -13.01 8.75 5.88
C ILE A 140 -12.85 10.19 5.45
N LEU A 141 -12.00 10.42 4.45
CA LEU A 141 -11.74 11.77 3.96
C LEU A 141 -12.27 11.95 2.55
N LEU A 142 -13.19 12.91 2.39
CA LEU A 142 -13.76 13.22 1.08
C LEU A 142 -13.47 14.68 0.73
N SER A 143 -12.55 14.90 -0.21
CA SER A 143 -12.15 16.26 -0.54
C SER A 143 -11.33 16.37 -1.83
N HIS A 144 -10.92 17.59 -2.15
CA HIS A 144 -9.87 17.82 -3.13
C HIS A 144 -8.53 17.44 -2.51
N GLY A 145 -7.55 17.17 -3.36
CA GLY A 145 -6.22 16.87 -2.86
C GLY A 145 -5.12 16.87 -3.90
N GLU A 146 -3.89 16.82 -3.42
CA GLU A 146 -2.70 16.66 -4.24
C GLU A 146 -1.82 15.65 -3.51
N GLU A 147 -0.74 15.20 -4.14
CA GLU A 147 0.08 14.15 -3.53
C GLU A 147 0.52 14.50 -2.12
N ASN A 148 0.24 13.56 -1.21
CA ASN A 148 0.62 13.63 0.21
C ASN A 148 -0.20 14.63 1.03
N VAL A 149 -1.15 15.31 0.39
CA VAL A 149 -1.88 16.39 1.06
C VAL A 149 -3.37 16.37 0.73
N ILE A 150 -4.16 16.94 1.64
CA ILE A 150 -5.60 17.01 1.43
C ILE A 150 -6.11 18.42 1.74
N TYR A 151 -7.12 18.85 0.98
CA TYR A 151 -7.69 20.18 1.15
C TYR A 151 -8.68 20.27 2.29
N GLY A 152 -8.48 21.26 3.16
CA GLY A 152 -9.55 21.80 3.98
C GLY A 152 -10.20 22.87 3.12
N LYS A 153 -11.21 23.54 3.65
CA LYS A 153 -11.84 24.61 2.89
C LYS A 153 -10.90 25.82 2.74
N ASP A 154 -9.96 25.95 3.68
CA ASP A 154 -9.05 27.09 3.69
C ASP A 154 -7.69 26.82 3.02
N GLY A 155 -7.48 25.59 2.53
CA GLY A 155 -6.19 25.21 1.97
C GLY A 155 -5.81 23.76 2.17
N VAL A 156 -4.52 23.45 2.09
CA VAL A 156 -4.05 22.07 2.20
C VAL A 156 -3.38 21.76 3.53
N THR A 157 -3.49 20.50 3.94
CA THR A 157 -2.78 20.00 5.11
C THR A 157 -2.28 18.58 4.81
N PRO A 158 -1.09 18.24 5.32
CA PRO A 158 -0.53 16.92 5.02
C PRO A 158 -1.33 15.78 5.64
N ILE A 159 -1.55 14.73 4.85
CA ILE A 159 -2.24 13.54 5.33
C ILE A 159 -1.51 12.85 6.48
N LYS A 160 -0.17 12.84 6.41
CA LYS A 160 0.62 12.16 7.44
C LYS A 160 0.36 12.81 8.82
N ASP A 161 0.19 14.13 8.83
CA ASP A 161 -0.02 14.86 10.08
C ASP A 161 -1.37 14.49 10.69
N LEU A 162 -2.36 14.25 9.83
CA LEU A 162 -3.69 13.84 10.28
C LEU A 162 -3.66 12.46 10.94
N THR A 163 -2.88 11.56 10.37
CA THR A 163 -2.86 10.16 10.81
C THR A 163 -1.84 9.87 11.92
N ALA A 164 -0.83 10.72 12.04
CA ALA A 164 0.25 10.51 13.00
C ALA A 164 -0.25 10.52 14.45
N HIS A 165 -1.37 11.20 14.68
CA HIS A 165 -1.99 11.24 16.01
C HIS A 165 -2.35 9.85 16.54
N PHE A 166 -2.52 8.89 15.64
CA PHE A 166 -2.97 7.56 16.03
C PHE A 166 -1.83 6.54 16.07
N ARG A 167 -0.60 7.03 15.96
CA ARG A 167 0.56 6.17 16.16
C ARG A 167 0.51 5.53 17.53
N GLY A 168 1.18 4.39 17.69
CA GLY A 168 1.10 3.61 18.91
C GLY A 168 1.52 4.39 20.15
N ASP A 169 2.59 5.16 20.02
CA ASP A 169 3.11 5.96 21.12
C ASP A 169 2.26 7.22 21.40
N ARG A 170 1.31 7.51 20.51
CA ARG A 170 0.47 8.69 20.68
C ARG A 170 -1.00 8.37 20.89
N CYS A 171 -1.33 7.08 20.89
CA CYS A 171 -2.70 6.65 21.16
C CYS A 171 -2.73 5.20 21.65
N LYS A 172 -2.43 5.00 22.94
CA LYS A 172 -2.26 3.66 23.50
C LYS A 172 -3.53 2.81 23.49
N THR A 173 -4.70 3.44 23.48
CA THR A 173 -5.94 2.68 23.52
C THR A 173 -6.33 2.10 22.16
N LEU A 174 -5.59 2.47 21.13
CA LEU A 174 -5.75 1.85 19.82
C LEU A 174 -4.52 1.02 19.44
N LEU A 175 -3.67 0.76 20.43
CA LEU A 175 -2.51 -0.11 20.22
C LEU A 175 -2.95 -1.52 19.86
N GLU A 176 -2.29 -2.09 18.83
CA GLU A 176 -2.59 -3.43 18.33
C GLU A 176 -4.00 -3.53 17.78
N LYS A 177 -4.60 -2.38 17.49
CA LYS A 177 -5.93 -2.33 16.90
C LYS A 177 -5.85 -1.63 15.55
N PRO A 178 -6.63 -2.09 14.57
CA PRO A 178 -6.53 -1.50 13.24
C PRO A 178 -7.00 -0.05 13.18
N LYS A 179 -6.24 0.78 12.47
CA LYS A 179 -6.58 2.18 12.26
C LYS A 179 -6.76 2.43 10.77
N LEU A 180 -8.01 2.60 10.36
CA LEU A 180 -8.35 2.64 8.95
C LEU A 180 -8.61 4.04 8.42
N PHE A 181 -7.95 4.37 7.31
CA PHE A 181 -8.19 5.64 6.64
C PHE A 181 -8.59 5.43 5.17
N PHE A 182 -9.76 5.95 4.82
CA PHE A 182 -10.26 5.88 3.45
C PHE A 182 -10.22 7.27 2.84
N ILE A 183 -9.55 7.42 1.71
CA ILE A 183 -9.33 8.75 1.14
C ILE A 183 -9.77 8.88 -0.32
N GLN A 184 -10.87 9.61 -0.52
CA GLN A 184 -11.31 9.99 -1.86
C GLN A 184 -10.82 11.39 -2.17
N ALA A 185 -9.74 11.47 -2.94
CA ALA A 185 -9.11 12.73 -3.27
C ALA A 185 -8.05 12.50 -4.36
N CYS A 186 -7.72 13.55 -5.09
CA CYS A 186 -6.67 13.45 -6.09
C CYS A 186 -5.31 13.39 -5.43
N ARG A 187 -4.32 12.87 -6.16
CA ARG A 187 -2.98 12.69 -5.62
C ARG A 187 -1.94 13.18 -6.62
N GLY A 188 -2.34 14.15 -7.45
CA GLY A 188 -1.51 14.62 -8.54
C GLY A 188 -2.34 14.82 -9.80
N THR A 189 -1.67 14.97 -10.94
CA THR A 189 -2.34 15.42 -12.15
C THR A 189 -2.18 14.48 -13.35
N GLU A 190 -1.61 13.31 -13.14
CA GLU A 190 -1.53 12.33 -14.23
C GLU A 190 -2.89 11.72 -14.53
N LEU A 191 -3.08 11.31 -15.78
CA LEU A 191 -4.27 10.57 -16.18
C LEU A 191 -3.90 9.15 -16.60
N ASP A 192 -4.85 8.24 -16.48
CA ASP A 192 -4.62 6.85 -16.84
C ASP A 192 -5.39 6.53 -18.12
N ASP A 193 -4.66 6.38 -19.22
CA ASP A 193 -5.28 6.23 -20.53
C ASP A 193 -5.93 4.87 -20.72
N GLY A 194 -5.52 3.89 -19.92
CA GLY A 194 -6.03 2.54 -20.05
C GLY A 194 -5.46 1.85 -21.29
N ILE A 195 -5.95 0.65 -21.57
CA ILE A 195 -5.44 -0.13 -22.69
C ILE A 195 -6.38 -1.29 -23.04
N GLN A 196 -6.46 -1.58 -24.33
CA GLN A 196 -7.07 -2.80 -24.90
C GLN A 196 -8.60 -2.77 -24.79
N TYR B 13 7.91 -8.17 23.49
CA TYR B 13 7.69 -6.91 24.20
C TYR B 13 7.12 -5.78 23.34
N LYS B 14 7.95 -5.22 22.47
CA LYS B 14 7.60 -3.98 21.77
C LYS B 14 6.76 -4.15 20.51
N ILE B 15 6.13 -3.05 20.10
CA ILE B 15 5.37 -2.98 18.87
C ILE B 15 5.72 -1.67 18.14
N PRO B 16 5.86 -1.71 16.80
CA PRO B 16 6.22 -0.49 16.09
C PRO B 16 5.09 0.55 16.12
N VAL B 17 5.47 1.83 16.13
CA VAL B 17 4.50 2.91 16.28
C VAL B 17 3.66 3.10 15.01
N GLU B 18 4.18 2.65 13.88
CA GLU B 18 3.52 2.83 12.58
C GLU B 18 2.68 1.62 12.21
N ALA B 19 2.70 0.58 13.05
CA ALA B 19 1.98 -0.65 12.79
C ALA B 19 0.46 -0.51 12.86
N ASP B 20 -0.24 -1.48 12.30
CA ASP B 20 -1.70 -1.59 12.33
C ASP B 20 -2.43 -0.41 11.69
N PHE B 21 -1.80 0.24 10.72
CA PHE B 21 -2.48 1.21 9.88
C PHE B 21 -2.91 0.59 8.56
N LEU B 22 -4.01 1.10 7.99
CA LEU B 22 -4.38 0.78 6.63
C LEU B 22 -4.89 2.02 5.91
N PHE B 23 -4.39 2.25 4.71
CA PHE B 23 -4.86 3.36 3.89
C PHE B 23 -5.50 2.85 2.62
N ALA B 24 -6.78 3.12 2.46
CA ALA B 24 -7.46 2.82 1.21
C ALA B 24 -7.64 4.10 0.41
N TYR B 25 -6.65 4.40 -0.44
CA TYR B 25 -6.74 5.55 -1.32
C TYR B 25 -7.62 5.24 -2.52
N SER B 26 -8.26 6.27 -3.05
CA SER B 26 -9.14 6.12 -4.20
C SER B 26 -8.35 5.98 -5.50
N THR B 27 -7.07 6.33 -5.44
CA THR B 27 -6.21 6.30 -6.61
C THR B 27 -4.74 6.15 -6.25
N VAL B 28 -3.91 5.90 -7.26
CA VAL B 28 -2.48 5.72 -7.06
C VAL B 28 -1.78 7.08 -7.00
N PRO B 29 -0.59 7.15 -6.38
CA PRO B 29 0.10 8.44 -6.27
C PRO B 29 0.40 9.06 -7.64
N GLY B 30 0.28 10.39 -7.73
CA GLY B 30 0.55 11.11 -8.95
C GLY B 30 -0.66 11.31 -9.85
N TYR B 31 -1.75 10.60 -9.55
CA TYR B 31 -2.90 10.55 -10.46
C TYR B 31 -4.14 11.29 -9.96
N TYR B 32 -5.04 11.58 -10.89
CA TYR B 32 -6.35 12.14 -10.59
C TYR B 32 -7.27 11.08 -9.98
N SER B 33 -8.40 11.52 -9.46
CA SER B 33 -9.44 10.62 -8.98
C SER B 33 -10.78 11.15 -9.47
N TRP B 34 -11.68 10.26 -9.86
CA TRP B 34 -12.88 10.70 -10.58
C TRP B 34 -14.16 10.70 -9.75
N ARG B 35 -15.06 11.63 -10.08
CA ARG B 35 -16.28 11.85 -9.33
C ARG B 35 -17.46 12.26 -10.22
N SER B 36 -18.51 11.46 -10.20
CA SER B 36 -19.77 11.82 -10.87
C SER B 36 -20.66 12.63 -9.91
N PRO B 37 -21.04 13.86 -10.32
CA PRO B 37 -21.91 14.73 -9.53
C PRO B 37 -23.28 14.11 -9.22
N GLY B 38 -23.79 13.29 -10.13
CA GLY B 38 -25.07 12.66 -9.94
C GLY B 38 -25.04 11.41 -9.06
N ARG B 39 -23.99 10.61 -9.22
CA ARG B 39 -23.93 9.29 -8.62
C ARG B 39 -22.81 9.12 -7.59
N GLY B 40 -21.97 10.13 -7.46
CA GLY B 40 -20.85 10.07 -6.53
C GLY B 40 -19.56 9.60 -7.16
N SER B 41 -18.48 9.68 -6.38
CA SER B 41 -17.15 9.26 -6.85
C SER B 41 -17.11 7.76 -7.11
N TRP B 42 -16.27 7.37 -8.07
CA TRP B 42 -16.13 5.96 -8.46
C TRP B 42 -15.76 5.07 -7.29
N PHE B 43 -14.72 5.46 -6.56
CA PHE B 43 -14.21 4.70 -5.42
C PHE B 43 -15.28 4.45 -4.34
N VAL B 44 -16.00 5.49 -3.97
CA VAL B 44 -17.03 5.38 -2.94
C VAL B 44 -18.20 4.52 -3.40
N GLN B 45 -18.65 4.72 -4.64
CA GLN B 45 -19.68 3.89 -5.25
C GLN B 45 -19.33 2.40 -5.12
N ALA B 46 -18.10 2.08 -5.52
CA ALA B 46 -17.63 0.70 -5.52
C ALA B 46 -17.49 0.18 -4.09
N LEU B 47 -16.91 1.00 -3.22
CA LEU B 47 -16.71 0.63 -1.83
C LEU B 47 -18.03 0.28 -1.15
N CYS B 48 -19.03 1.14 -1.34
CA CYS B 48 -20.33 0.95 -0.70
C CYS B 48 -21.06 -0.27 -1.24
N SER B 49 -21.06 -0.43 -2.57
CA SER B 49 -21.65 -1.62 -3.18
C SER B 49 -21.06 -2.89 -2.59
N ILE B 50 -19.73 -2.95 -2.50
CA ILE B 50 -19.05 -4.15 -2.02
C ILE B 50 -19.26 -4.35 -0.52
N LEU B 51 -19.27 -3.25 0.23
CA LEU B 51 -19.50 -3.32 1.67
C LEU B 51 -20.93 -3.73 1.98
N GLU B 52 -21.87 -3.19 1.21
CA GLU B 52 -23.29 -3.55 1.35
C GLU B 52 -23.55 -5.06 1.25
N GLU B 53 -22.90 -5.74 0.31
CA GLU B 53 -23.16 -7.17 0.09
C GLU B 53 -22.14 -8.11 0.73
N HIS B 54 -20.99 -7.59 1.16
CA HIS B 54 -19.96 -8.45 1.73
C HIS B 54 -19.20 -7.87 2.93
N GLY B 55 -19.66 -6.75 3.46
CA GLY B 55 -19.00 -6.11 4.58
C GLY B 55 -18.71 -6.98 5.79
N LYS B 56 -19.65 -7.83 6.15
CA LYS B 56 -19.50 -8.66 7.36
C LYS B 56 -18.91 -10.05 7.15
N ASP B 57 -18.78 -10.50 5.89
CA ASP B 57 -18.29 -11.86 5.67
C ASP B 57 -16.95 -11.98 4.93
N LEU B 58 -16.41 -10.86 4.46
CA LEU B 58 -15.12 -10.89 3.79
C LEU B 58 -14.04 -10.16 4.58
N GLU B 59 -12.79 -10.59 4.42
CA GLU B 59 -11.67 -9.93 5.08
C GLU B 59 -11.41 -8.61 4.34
N ILE B 60 -10.89 -7.62 5.05
CA ILE B 60 -10.82 -6.25 4.51
C ILE B 60 -10.00 -6.14 3.22
N MET B 61 -8.91 -6.91 3.12
CA MET B 61 -8.12 -6.91 1.89
C MET B 61 -8.88 -7.53 0.72
N GLN B 62 -9.70 -8.54 1.00
CA GLN B 62 -10.55 -9.13 -0.03
C GLN B 62 -11.57 -8.10 -0.49
N ILE B 63 -12.11 -7.35 0.45
CA ILE B 63 -13.10 -6.31 0.16
C ILE B 63 -12.50 -5.24 -0.74
N LEU B 64 -11.34 -4.72 -0.34
CA LEU B 64 -10.70 -3.62 -1.06
C LEU B 64 -10.14 -4.08 -2.40
N THR B 65 -9.84 -5.37 -2.51
CA THR B 65 -9.36 -5.93 -3.77
C THR B 65 -10.50 -5.98 -4.78
N ARG B 66 -11.67 -6.40 -4.33
CA ARG B 66 -12.86 -6.38 -5.18
C ARG B 66 -13.25 -4.95 -5.56
N VAL B 67 -13.01 -4.01 -4.65
CA VAL B 67 -13.24 -2.60 -4.94
C VAL B 67 -12.29 -2.14 -6.04
N ASN B 68 -11.03 -2.56 -5.94
CA ASN B 68 -10.04 -2.29 -6.97
C ASN B 68 -10.51 -2.79 -8.34
N ASP B 69 -10.99 -4.02 -8.37
CA ASP B 69 -11.48 -4.63 -9.60
C ASP B 69 -12.64 -3.86 -10.23
N ARG B 70 -13.61 -3.48 -9.41
CA ARG B 70 -14.81 -2.80 -9.90
C ARG B 70 -14.52 -1.39 -10.39
N VAL B 71 -13.66 -0.68 -9.68
CA VAL B 71 -13.25 0.65 -10.11
C VAL B 71 -12.51 0.56 -11.44
N ALA B 72 -11.66 -0.45 -11.56
CA ALA B 72 -10.85 -0.65 -12.75
C ALA B 72 -11.69 -1.04 -13.97
N ARG B 73 -12.66 -1.91 -13.76
CA ARG B 73 -13.47 -2.43 -14.86
C ARG B 73 -14.73 -1.62 -15.17
N HIS B 74 -15.57 -1.41 -14.16
CA HIS B 74 -16.90 -0.85 -14.36
C HIS B 74 -16.93 0.63 -14.71
N PHE B 75 -15.79 1.31 -14.64
CA PHE B 75 -15.77 2.76 -14.80
C PHE B 75 -14.85 3.27 -15.90
N GLU B 76 -15.33 4.28 -16.63
CA GLU B 76 -14.57 4.96 -17.67
C GLU B 76 -15.11 6.37 -17.85
N SER B 77 -14.21 7.35 -17.89
CA SER B 77 -14.60 8.75 -17.96
C SER B 77 -15.17 9.14 -19.32
N GLN B 78 -16.05 10.13 -19.33
CA GLN B 78 -16.41 10.79 -20.58
C GLN B 78 -16.36 12.30 -20.43
N SER B 79 -15.57 12.94 -21.27
CA SER B 79 -15.50 14.38 -21.37
C SER B 79 -15.57 14.79 -22.83
N ASP B 80 -15.99 16.03 -23.09
CA ASP B 80 -15.92 16.59 -24.43
C ASP B 80 -14.49 17.01 -24.74
N ASP B 81 -13.77 17.39 -23.70
CA ASP B 81 -12.32 17.62 -23.79
C ASP B 81 -11.63 16.28 -24.03
N PRO B 82 -10.93 16.15 -25.17
CA PRO B 82 -10.27 14.89 -25.52
C PRO B 82 -9.14 14.51 -24.57
N HIS B 83 -8.58 15.51 -23.87
CA HIS B 83 -7.56 15.24 -22.87
C HIS B 83 -8.09 14.44 -21.69
N PHE B 84 -9.39 14.54 -21.45
CA PHE B 84 -10.03 13.86 -20.31
C PHE B 84 -11.00 12.77 -20.73
N HIS B 85 -11.02 12.44 -22.02
CA HIS B 85 -11.97 11.48 -22.55
C HIS B 85 -11.50 10.03 -22.40
N GLU B 86 -12.42 9.15 -22.00
CA GLU B 86 -12.16 7.70 -21.92
C GLU B 86 -10.99 7.33 -21.00
N LYS B 87 -10.87 8.00 -19.87
CA LYS B 87 -9.80 7.71 -18.92
C LYS B 87 -10.22 6.70 -17.86
N LYS B 88 -9.23 6.12 -17.20
CA LYS B 88 -9.46 5.00 -16.28
C LYS B 88 -8.88 5.31 -14.90
N GLN B 89 -9.24 4.48 -13.92
CA GLN B 89 -8.73 4.67 -12.56
C GLN B 89 -8.50 3.35 -11.83
N ILE B 90 -7.44 3.30 -11.02
CA ILE B 90 -7.18 2.17 -10.15
C ILE B 90 -6.89 2.69 -8.75
N PRO B 91 -7.58 2.17 -7.73
CA PRO B 91 -7.31 2.62 -6.37
C PRO B 91 -6.02 2.03 -5.82
N CYS B 92 -5.73 2.28 -4.55
CA CYS B 92 -4.43 1.94 -3.99
C CYS B 92 -4.53 1.68 -2.50
N VAL B 93 -4.24 0.45 -2.10
CA VAL B 93 -4.33 0.04 -0.71
C VAL B 93 -2.96 -0.07 -0.08
N VAL B 94 -2.77 0.63 1.04
CA VAL B 94 -1.53 0.56 1.79
C VAL B 94 -1.79 -0.08 3.15
N SER B 95 -1.16 -1.23 3.40
CA SER B 95 -1.44 -1.99 4.61
C SER B 95 -0.22 -2.16 5.49
N MET B 96 -0.33 -1.69 6.73
CA MET B 96 0.66 -1.98 7.76
C MET B 96 0.01 -2.86 8.83
N LEU B 97 -1.08 -3.52 8.46
CA LEU B 97 -1.80 -4.40 9.37
C LEU B 97 -0.98 -5.63 9.72
N THR B 98 -1.18 -6.13 10.93
CA THR B 98 -0.46 -7.31 11.41
C THR B 98 -1.39 -8.52 11.53
N LYS B 99 -2.67 -8.32 11.26
CA LYS B 99 -3.64 -9.41 11.37
C LYS B 99 -4.65 -9.33 10.23
N GLU B 100 -5.45 -10.39 10.08
CA GLU B 100 -6.59 -10.33 9.18
C GLU B 100 -7.71 -9.56 9.88
N LEU B 101 -8.50 -8.82 9.11
CA LEU B 101 -9.54 -8.00 9.72
C LEU B 101 -10.93 -8.34 9.19
N TYR B 102 -11.77 -8.86 10.08
CA TYR B 102 -13.19 -9.09 9.80
C TYR B 102 -14.03 -8.17 10.67
N PHE B 103 -15.11 -7.63 10.10
CA PHE B 103 -15.99 -6.71 10.82
C PHE B 103 -17.12 -7.41 11.58
N SER B 104 -16.91 -8.63 12.03
CA SER B 104 -17.98 -9.37 12.69
C SER B 104 -17.52 -10.23 13.87
N GLN B 105 -18.51 -10.84 14.54
CA GLN B 105 -18.30 -11.88 15.55
C GLN B 105 -17.43 -11.40 16.72
N THR C 57 -13.71 -16.46 -10.40
CA THR C 57 -13.73 -15.12 -10.99
C THR C 57 -13.25 -14.07 -9.99
N TYR C 58 -12.75 -14.53 -8.85
CA TYR C 58 -12.26 -13.64 -7.80
C TYR C 58 -10.77 -13.85 -7.56
N GLN C 59 -10.20 -14.82 -8.29
CA GLN C 59 -8.79 -15.17 -8.16
C GLN C 59 -8.09 -15.03 -9.51
N TYR C 60 -6.84 -14.59 -9.50
CA TYR C 60 -6.05 -14.56 -10.72
C TYR C 60 -5.93 -15.95 -11.32
N ASN C 61 -6.08 -16.03 -12.64
CA ASN C 61 -5.96 -17.29 -13.35
C ASN C 61 -4.53 -17.80 -13.34
N MET C 62 -4.31 -18.94 -12.69
CA MET C 62 -2.99 -19.53 -12.59
C MET C 62 -2.74 -20.64 -13.60
N ASN C 63 -3.69 -20.84 -14.52
CA ASN C 63 -3.57 -21.91 -15.49
C ASN C 63 -2.72 -21.49 -16.67
N PHE C 64 -1.40 -21.53 -16.47
CA PHE C 64 -0.45 -21.20 -17.53
C PHE C 64 0.65 -22.24 -17.57
N GLU C 65 1.42 -22.25 -18.66
CA GLU C 65 2.53 -23.16 -18.81
C GLU C 65 3.56 -22.92 -17.70
N LYS C 66 3.82 -21.66 -17.41
CA LYS C 66 4.80 -21.27 -16.40
C LYS C 66 4.18 -20.32 -15.38
N LEU C 67 4.67 -20.38 -14.14
CA LEU C 67 4.26 -19.44 -13.10
C LEU C 67 4.75 -18.04 -13.47
N GLY C 68 6.03 -17.95 -13.80
CA GLY C 68 6.60 -16.71 -14.30
C GLY C 68 8.06 -16.51 -13.94
N LYS C 69 8.59 -15.38 -14.41
CA LYS C 69 9.98 -15.01 -14.15
C LYS C 69 10.12 -14.35 -12.78
N CYS C 70 11.21 -14.64 -12.09
CA CYS C 70 11.54 -13.96 -10.85
C CYS C 70 12.94 -13.39 -10.93
N ILE C 71 13.04 -12.06 -11.01
CA ILE C 71 14.33 -11.39 -11.09
C ILE C 71 14.78 -10.88 -9.72
N ILE C 72 15.95 -11.31 -9.29
CA ILE C 72 16.55 -10.82 -8.06
C ILE C 72 17.77 -9.95 -8.33
N ILE C 73 17.70 -8.70 -7.86
CA ILE C 73 18.85 -7.81 -7.95
C ILE C 73 19.55 -7.78 -6.59
N ASN C 74 20.73 -8.38 -6.52
CA ASN C 74 21.43 -8.51 -5.26
C ASN C 74 22.63 -7.55 -5.19
N ASN C 75 22.37 -6.34 -4.72
CA ASN C 75 23.40 -5.31 -4.63
C ASN C 75 24.10 -5.31 -3.27
N LYS C 76 25.38 -5.72 -3.27
CA LYS C 76 26.14 -5.82 -2.03
C LYS C 76 27.21 -4.73 -1.95
N ASN C 77 27.91 -4.52 -3.05
CA ASN C 77 29.05 -3.61 -3.07
C ASN C 77 28.76 -2.35 -3.86
N PHE C 78 29.16 -1.21 -3.32
CA PHE C 78 28.84 0.09 -3.91
C PHE C 78 30.08 0.95 -4.08
N ASP C 79 30.12 1.70 -5.19
CA ASP C 79 31.18 2.68 -5.42
C ASP C 79 31.25 3.62 -4.22
N LYS C 80 32.46 3.82 -3.70
CA LYS C 80 32.67 4.59 -2.47
C LYS C 80 32.12 6.02 -2.56
N VAL C 81 32.16 6.59 -3.76
CA VAL C 81 31.61 7.92 -4.02
C VAL C 81 30.14 8.07 -3.61
N THR C 82 29.41 6.96 -3.59
CA THR C 82 28.01 6.98 -3.18
C THR C 82 27.88 7.13 -1.67
N GLY C 83 28.99 6.86 -0.97
CA GLY C 83 29.02 6.94 0.47
C GLY C 83 28.34 5.78 1.17
N MET C 84 28.00 4.76 0.39
CA MET C 84 27.27 3.60 0.92
C MET C 84 28.21 2.45 1.23
N GLY C 85 27.98 1.82 2.38
CA GLY C 85 28.79 0.70 2.83
C GLY C 85 28.37 -0.63 2.26
N VAL C 86 29.26 -1.61 2.36
CA VAL C 86 28.97 -2.97 1.94
C VAL C 86 27.78 -3.52 2.73
N ARG C 87 26.83 -4.12 2.02
CA ARG C 87 25.62 -4.64 2.65
C ARG C 87 25.76 -6.11 3.05
N ASN C 88 26.57 -6.37 4.07
CA ASN C 88 26.77 -7.72 4.56
C ASN C 88 25.46 -8.38 5.02
N GLY C 89 25.28 -9.65 4.67
CA GLY C 89 24.06 -10.37 4.97
C GLY C 89 23.13 -10.50 3.78
N THR C 90 23.36 -9.68 2.76
CA THR C 90 22.50 -9.69 1.57
C THR C 90 22.63 -10.97 0.75
N ASP C 91 23.79 -11.63 0.84
CA ASP C 91 23.97 -12.91 0.16
C ASP C 91 23.07 -13.99 0.75
N LYS C 92 22.90 -14.00 2.07
CA LYS C 92 21.99 -14.95 2.69
C LYS C 92 20.56 -14.68 2.28
N ASP C 93 20.21 -13.40 2.18
CA ASP C 93 18.91 -12.99 1.66
C ASP C 93 18.70 -13.58 0.27
N ALA C 94 19.65 -13.31 -0.63
CA ALA C 94 19.53 -13.72 -2.02
C ALA C 94 19.45 -15.24 -2.13
N GLU C 95 20.27 -15.93 -1.33
CA GLU C 95 20.26 -17.39 -1.30
C GLU C 95 18.93 -17.91 -0.77
N ALA C 96 18.41 -17.30 0.28
CA ALA C 96 17.14 -17.73 0.86
C ALA C 96 16.00 -17.49 -0.12
N LEU C 97 16.04 -16.33 -0.78
CA LEU C 97 15.00 -15.95 -1.74
C LEU C 97 14.93 -16.78 -3.02
N PHE C 98 16.06 -17.06 -3.66
CA PHE C 98 16.05 -17.87 -4.87
C PHE C 98 15.51 -19.27 -4.55
N LYS C 99 15.92 -19.83 -3.43
CA LYS C 99 15.43 -21.15 -3.03
C LYS C 99 13.92 -21.17 -2.83
N CYS C 100 13.40 -20.19 -2.09
CA CYS C 100 11.97 -20.07 -1.87
C CYS C 100 11.17 -19.90 -3.16
N PHE C 101 11.58 -18.94 -3.99
CA PHE C 101 10.83 -18.63 -5.20
C PHE C 101 10.99 -19.70 -6.29
N ARG C 102 12.13 -20.39 -6.29
CA ARG C 102 12.28 -21.56 -7.14
C ARG C 102 11.28 -22.62 -6.72
N SER C 103 11.15 -22.81 -5.41
CA SER C 103 10.25 -23.79 -4.84
C SER C 103 8.79 -23.49 -5.18
N LEU C 104 8.46 -22.21 -5.29
CA LEU C 104 7.12 -21.81 -5.71
C LEU C 104 6.82 -22.17 -7.16
N GLY C 105 7.85 -22.20 -7.99
CA GLY C 105 7.68 -22.50 -9.40
C GLY C 105 8.15 -21.41 -10.35
N PHE C 106 8.82 -20.40 -9.80
CA PHE C 106 9.36 -19.31 -10.60
C PHE C 106 10.63 -19.70 -11.35
N ASP C 107 10.83 -19.08 -12.50
CA ASP C 107 12.12 -19.18 -13.21
C ASP C 107 13.02 -18.07 -12.68
N VAL C 108 13.85 -18.40 -11.70
CA VAL C 108 14.57 -17.39 -10.94
C VAL C 108 15.92 -17.03 -11.57
N ILE C 109 16.20 -15.72 -11.60
CA ILE C 109 17.49 -15.22 -12.07
C ILE C 109 18.06 -14.24 -11.06
N VAL C 110 19.33 -14.43 -10.68
CA VAL C 110 19.98 -13.53 -9.73
C VAL C 110 21.06 -12.65 -10.36
N TYR C 111 20.92 -11.34 -10.19
CA TYR C 111 21.93 -10.39 -10.64
C TYR C 111 22.63 -9.74 -9.45
N ASN C 112 23.95 -9.58 -9.56
CA ASN C 112 24.74 -9.08 -8.44
C ASN C 112 25.45 -7.76 -8.74
N ASP C 113 25.49 -6.89 -7.74
CA ASP C 113 26.15 -5.56 -7.83
C ASP C 113 25.87 -4.84 -9.15
N CYS C 114 24.60 -4.51 -9.38
CA CYS C 114 24.21 -3.87 -10.62
C CYS C 114 24.32 -2.35 -10.58
N SER C 115 24.74 -1.76 -11.68
CA SER C 115 24.72 -0.31 -11.83
C SER C 115 23.27 0.13 -12.06
N CYS C 116 23.03 1.43 -11.98
CA CYS C 116 21.69 1.95 -12.20
C CYS C 116 21.21 1.67 -13.62
N ALA C 117 22.11 1.85 -14.58
CA ALA C 117 21.79 1.60 -15.98
C ALA C 117 21.56 0.11 -16.23
N LYS C 118 22.33 -0.72 -15.52
CA LYS C 118 22.16 -2.16 -15.58
C LYS C 118 20.76 -2.54 -15.13
N MET C 119 20.37 -2.04 -13.96
CA MET C 119 19.04 -2.29 -13.40
C MET C 119 17.91 -1.81 -14.31
N GLN C 120 18.05 -0.60 -14.85
CA GLN C 120 17.05 -0.04 -15.76
C GLN C 120 16.90 -0.86 -17.03
N ASP C 121 18.02 -1.23 -17.64
CA ASP C 121 18.03 -1.97 -18.90
C ASP C 121 17.48 -3.37 -18.70
N LEU C 122 17.95 -4.00 -17.64
CA LEU C 122 17.55 -5.35 -17.24
C LEU C 122 16.03 -5.50 -17.12
N LEU C 123 15.40 -4.58 -16.40
CA LEU C 123 13.96 -4.61 -16.19
C LEU C 123 13.22 -4.23 -17.48
N LYS C 124 13.83 -3.34 -18.25
CA LYS C 124 13.29 -2.94 -19.55
C LYS C 124 13.21 -4.12 -20.52
N LYS C 125 14.31 -4.88 -20.61
CA LYS C 125 14.37 -6.04 -21.49
C LYS C 125 13.36 -7.10 -21.09
N ALA C 126 13.24 -7.33 -19.78
CA ALA C 126 12.31 -8.31 -19.25
C ALA C 126 10.87 -7.93 -19.58
N SER C 127 10.59 -6.63 -19.58
CA SER C 127 9.25 -6.13 -19.90
C SER C 127 8.94 -6.34 -21.39
N GLU C 128 9.99 -6.36 -22.20
CA GLU C 128 9.84 -6.53 -23.64
C GLU C 128 9.77 -8.00 -24.06
N GLU C 129 10.13 -8.91 -23.16
CA GLU C 129 9.96 -10.33 -23.41
C GLU C 129 8.49 -10.72 -23.56
N ASP C 130 8.26 -11.96 -23.98
CA ASP C 130 6.90 -12.44 -24.20
C ASP C 130 6.44 -13.29 -23.01
N HIS C 131 5.54 -12.72 -22.20
CA HIS C 131 5.06 -13.39 -21.00
C HIS C 131 3.70 -14.06 -21.18
N THR C 132 3.35 -14.36 -22.43
CA THR C 132 2.03 -14.88 -22.77
C THR C 132 1.73 -16.19 -22.05
N ASN C 133 2.76 -17.00 -21.85
CA ASN C 133 2.59 -18.30 -21.21
C ASN C 133 2.93 -18.29 -19.72
N ALA C 134 3.03 -17.09 -19.14
CA ALA C 134 3.34 -16.94 -17.72
C ALA C 134 2.12 -16.44 -16.94
N ALA C 135 1.95 -16.95 -15.72
CA ALA C 135 0.86 -16.52 -14.87
C ALA C 135 1.09 -15.14 -14.25
N CYS C 136 2.36 -14.85 -13.92
CA CYS C 136 2.69 -13.59 -13.27
C CYS C 136 4.16 -13.24 -13.42
N PHE C 137 4.54 -12.08 -12.87
CA PHE C 137 5.94 -11.66 -12.85
C PHE C 137 6.34 -11.24 -11.44
N ALA C 138 7.59 -11.52 -11.08
CA ALA C 138 8.09 -11.12 -9.77
C ALA C 138 9.48 -10.49 -9.87
N CYS C 139 9.70 -9.43 -9.10
CA CYS C 139 11.02 -8.82 -9.00
C CYS C 139 11.36 -8.51 -7.56
N ILE C 140 12.58 -8.85 -7.15
CA ILE C 140 13.03 -8.58 -5.79
C ILE C 140 14.25 -7.68 -5.80
N LEU C 141 14.18 -6.58 -5.07
CA LEU C 141 15.29 -5.63 -5.03
C LEU C 141 15.93 -5.60 -3.65
N LEU C 142 17.23 -5.90 -3.62
CA LEU C 142 18.00 -5.89 -2.39
C LEU C 142 19.14 -4.89 -2.48
N SER C 143 19.00 -3.76 -1.79
CA SER C 143 19.99 -2.70 -1.90
C SER C 143 19.83 -1.65 -0.82
N HIS C 144 20.68 -0.62 -0.88
CA HIS C 144 20.46 0.61 -0.16
C HIS C 144 19.34 1.39 -0.84
N GLY C 145 18.72 2.30 -0.11
CA GLY C 145 17.72 3.16 -0.71
C GLY C 145 17.37 4.35 0.13
N GLU C 146 16.64 5.27 -0.47
CA GLU C 146 16.09 6.43 0.22
C GLU C 146 14.67 6.57 -0.32
N GLU C 147 13.87 7.45 0.27
CA GLU C 147 12.45 7.53 -0.10
C GLU C 147 12.25 7.68 -1.61
N ASN C 148 11.45 6.76 -2.18
CA ASN C 148 11.09 6.73 -3.60
C ASN C 148 12.24 6.30 -4.51
N VAL C 149 13.38 5.97 -3.93
CA VAL C 149 14.59 5.74 -4.72
C VAL C 149 15.38 4.52 -4.25
N ILE C 150 16.13 3.91 -5.16
CA ILE C 150 16.93 2.71 -4.83
C ILE C 150 18.35 2.84 -5.38
N TYR C 151 19.31 2.32 -4.62
CA TYR C 151 20.71 2.39 -5.01
C TYR C 151 21.15 1.31 -5.97
N GLY C 152 21.77 1.72 -7.07
CA GLY C 152 22.69 0.86 -7.78
C GLY C 152 24.03 1.09 -7.13
N LYS C 153 25.05 0.39 -7.61
CA LYS C 153 26.41 0.63 -7.12
C LYS C 153 26.85 1.98 -7.65
N ASP C 154 26.15 2.47 -8.67
CA ASP C 154 26.50 3.69 -9.38
C ASP C 154 25.82 4.95 -8.84
N GLY C 155 24.88 4.79 -7.92
CA GLY C 155 24.10 5.93 -7.46
C GLY C 155 22.65 5.51 -7.25
N VAL C 156 21.74 6.47 -7.29
CA VAL C 156 20.32 6.18 -7.09
C VAL C 156 19.47 6.27 -8.35
N THR C 157 18.40 5.47 -8.38
CA THR C 157 17.39 5.54 -9.44
C THR C 157 16.00 5.33 -8.82
N PRO C 158 14.99 6.03 -9.34
CA PRO C 158 13.62 5.95 -8.79
C PRO C 158 12.97 4.58 -8.97
N ILE C 159 12.26 4.12 -7.94
CA ILE C 159 11.53 2.86 -7.98
C ILE C 159 10.50 2.86 -9.10
N LYS C 160 9.84 4.01 -9.27
CA LYS C 160 8.78 4.16 -10.26
C LYS C 160 9.28 3.91 -11.67
N ASP C 161 10.50 4.36 -11.95
CA ASP C 161 11.07 4.22 -13.29
C ASP C 161 11.38 2.76 -13.58
N LEU C 162 11.81 2.04 -12.55
CA LEU C 162 12.08 0.61 -12.65
C LEU C 162 10.81 -0.21 -12.93
N THR C 163 9.72 0.16 -12.26
CA THR C 163 8.49 -0.61 -12.33
C THR C 163 7.58 -0.20 -13.49
N ALA C 164 7.77 1.04 -13.96
CA ALA C 164 6.92 1.59 -15.02
C ALA C 164 7.03 0.81 -16.32
N HIS C 165 8.16 0.12 -16.51
CA HIS C 165 8.38 -0.71 -17.69
C HIS C 165 7.30 -1.79 -17.83
N PHE C 166 6.68 -2.15 -16.71
CA PHE C 166 5.71 -3.24 -16.69
C PHE C 166 4.26 -2.76 -16.65
N ARG C 167 4.04 -1.47 -16.85
CA ARG C 167 2.69 -0.94 -16.97
C ARG C 167 1.94 -1.68 -18.07
N GLY C 168 0.62 -1.67 -18.01
CA GLY C 168 -0.20 -2.44 -18.93
C GLY C 168 0.04 -2.10 -20.38
N ASP C 169 0.15 -0.79 -20.65
CA ASP C 169 0.40 -0.31 -22.01
C ASP C 169 1.84 -0.51 -22.48
N ARG C 170 2.73 -0.91 -21.57
CA ARG C 170 4.14 -1.07 -21.91
C ARG C 170 4.63 -2.51 -21.75
N CYS C 171 3.74 -3.39 -21.32
CA CYS C 171 4.06 -4.81 -21.23
C CYS C 171 2.74 -5.56 -21.34
N LYS C 172 2.26 -5.64 -22.57
CA LYS C 172 0.93 -6.15 -22.88
C LYS C 172 0.77 -7.64 -22.55
N THR C 173 1.87 -8.38 -22.54
CA THR C 173 1.82 -9.82 -22.27
C THR C 173 1.72 -10.13 -20.78
N LEU C 174 1.82 -9.11 -19.94
CA LEU C 174 1.54 -9.27 -18.51
C LEU C 174 0.28 -8.52 -18.10
N LEU C 175 -0.52 -8.13 -19.09
CA LEU C 175 -1.80 -7.48 -18.82
C LEU C 175 -2.76 -8.41 -18.07
N GLU C 176 -3.42 -7.86 -17.07
CA GLU C 176 -4.36 -8.60 -16.22
C GLU C 176 -3.66 -9.70 -15.42
N LYS C 177 -2.33 -9.58 -15.31
CA LYS C 177 -1.53 -10.52 -14.53
C LYS C 177 -0.82 -9.76 -13.42
N PRO C 178 -0.70 -10.38 -12.25
CA PRO C 178 -0.08 -9.68 -11.12
C PRO C 178 1.40 -9.41 -11.34
N LYS C 179 1.84 -8.21 -10.99
CA LYS C 179 3.24 -7.84 -11.10
C LYS C 179 3.77 -7.52 -9.71
N LEU C 180 4.60 -8.40 -9.18
CA LEU C 180 5.02 -8.31 -7.78
C LEU C 180 6.42 -7.75 -7.63
N PHE C 181 6.56 -6.75 -6.78
CA PHE C 181 7.86 -6.20 -6.45
C PHE C 181 8.10 -6.24 -4.95
N PHE C 182 9.17 -6.92 -4.56
CA PHE C 182 9.56 -7.01 -3.15
C PHE C 182 10.81 -6.17 -2.96
N ILE C 183 10.77 -5.25 -2.00
CA ILE C 183 11.83 -4.26 -1.89
C ILE C 183 12.46 -4.24 -0.50
N GLN C 184 13.67 -4.78 -0.39
CA GLN C 184 14.45 -4.66 0.83
C GLN C 184 15.45 -3.51 0.69
N ALA C 185 15.11 -2.37 1.27
CA ALA C 185 15.92 -1.17 1.18
C ALA C 185 15.37 -0.12 2.14
N CYS C 186 16.23 0.81 2.56
CA CYS C 186 15.79 1.90 3.42
C CYS C 186 14.98 2.89 2.60
N ARG C 187 14.17 3.69 3.29
CA ARG C 187 13.27 4.63 2.62
C ARG C 187 13.34 6.00 3.29
N GLY C 188 14.49 6.30 3.87
CA GLY C 188 14.66 7.50 4.68
C GLY C 188 15.44 7.19 5.94
N THR C 189 15.42 8.12 6.90
CA THR C 189 16.33 8.03 8.05
C THR C 189 15.61 8.04 9.39
N GLU C 190 14.28 7.96 9.38
CA GLU C 190 13.54 7.88 10.63
C GLU C 190 13.70 6.51 11.28
N LEU C 191 13.63 6.50 12.61
CA LEU C 191 13.65 5.24 13.36
C LEU C 191 12.33 5.01 14.08
N ASP C 192 12.03 3.76 14.36
CA ASP C 192 10.78 3.41 15.04
C ASP C 192 11.11 2.94 16.45
N ASP C 193 10.79 3.78 17.43
CA ASP C 193 11.19 3.56 18.82
C ASP C 193 10.40 2.44 19.51
N GLY C 194 9.24 2.11 18.95
CA GLY C 194 8.38 1.10 19.54
C GLY C 194 7.63 1.59 20.77
N ILE C 195 6.90 0.67 21.40
CA ILE C 195 6.06 1.01 22.54
C ILE C 195 5.60 -0.26 23.29
N GLN C 196 5.40 -0.11 24.61
CA GLN C 196 4.77 -1.13 25.46
C GLN C 196 5.71 -2.29 25.74
N TYR D 13 -14.32 -2.35 -21.70
CA TYR D 13 -13.25 -3.03 -22.43
C TYR D 13 -11.89 -2.81 -21.77
N LYS D 14 -11.57 -1.55 -21.48
CA LYS D 14 -10.21 -1.18 -21.08
C LYS D 14 -9.86 -1.48 -19.62
N ILE D 15 -8.55 -1.49 -19.37
CA ILE D 15 -7.98 -1.73 -18.06
C ILE D 15 -6.92 -0.66 -17.77
N PRO D 16 -6.86 -0.17 -16.52
CA PRO D 16 -5.87 0.88 -16.20
C PRO D 16 -4.43 0.36 -16.29
N VAL D 17 -3.51 1.23 -16.69
CA VAL D 17 -2.13 0.84 -16.91
C VAL D 17 -1.38 0.58 -15.61
N GLU D 18 -1.89 1.14 -14.51
CA GLU D 18 -1.25 1.02 -13.21
C GLU D 18 -1.82 -0.14 -12.41
N ALA D 19 -2.83 -0.80 -12.97
CA ALA D 19 -3.49 -1.93 -12.30
C ALA D 19 -2.59 -3.16 -12.18
N ASP D 20 -2.99 -4.06 -11.27
CA ASP D 20 -2.33 -5.34 -11.05
C ASP D 20 -0.86 -5.25 -10.63
N PHE D 21 -0.50 -4.15 -9.96
CA PHE D 21 0.80 -4.08 -9.30
C PHE D 21 0.67 -4.39 -7.82
N LEU D 22 1.71 -4.97 -7.23
CA LEU D 22 1.80 -5.08 -5.78
C LEU D 22 3.23 -4.81 -5.35
N PHE D 23 3.37 -3.96 -4.34
CA PHE D 23 4.68 -3.63 -3.79
C PHE D 23 4.78 -4.07 -2.34
N ALA D 24 5.71 -4.99 -2.07
CA ALA D 24 5.99 -5.38 -0.69
C ALA D 24 7.28 -4.72 -0.22
N TYR D 25 7.16 -3.54 0.37
CA TYR D 25 8.31 -2.86 0.94
C TYR D 25 8.68 -3.45 2.29
N SER D 26 9.97 -3.38 2.63
CA SER D 26 10.47 -3.91 3.88
C SER D 26 10.15 -3.00 5.06
N THR D 27 9.80 -1.76 4.74
CA THR D 27 9.53 -0.75 5.76
C THR D 27 8.59 0.32 5.24
N VAL D 28 8.13 1.18 6.13
CA VAL D 28 7.21 2.26 5.79
C VAL D 28 8.01 3.44 5.24
N PRO D 29 7.37 4.33 4.46
CA PRO D 29 8.09 5.46 3.89
C PRO D 29 8.72 6.38 4.95
N GLY D 30 9.90 6.89 4.66
CA GLY D 30 10.58 7.79 5.58
C GLY D 30 11.53 7.10 6.55
N TYR D 31 11.45 5.77 6.63
CA TYR D 31 12.15 5.03 7.68
C TYR D 31 13.31 4.19 7.18
N TYR D 32 14.19 3.81 8.11
CA TYR D 32 15.25 2.86 7.84
C TYR D 32 14.71 1.46 7.71
N SER D 33 15.56 0.54 7.27
CA SER D 33 15.24 -0.88 7.23
C SER D 33 16.44 -1.63 7.79
N TRP D 34 16.19 -2.69 8.54
CA TRP D 34 17.26 -3.32 9.30
C TRP D 34 17.77 -4.61 8.66
N ARG D 35 19.05 -4.87 8.87
CA ARG D 35 19.72 -5.99 8.24
C ARG D 35 20.79 -6.59 9.15
N SER D 36 20.64 -7.88 9.48
CA SER D 36 21.66 -8.60 10.23
C SER D 36 22.70 -9.20 9.28
N PRO D 37 23.97 -8.83 9.45
CA PRO D 37 25.07 -9.38 8.66
C PRO D 37 25.16 -10.90 8.79
N GLY D 38 24.78 -11.42 9.96
CA GLY D 38 24.81 -12.84 10.20
C GLY D 38 23.61 -13.61 9.66
N ARG D 39 22.42 -13.03 9.77
CA ARG D 39 21.19 -13.75 9.45
C ARG D 39 20.42 -13.18 8.26
N GLY D 40 20.86 -12.04 7.75
CA GLY D 40 20.16 -11.40 6.66
C GLY D 40 19.16 -10.39 7.19
N SER D 41 18.54 -9.63 6.29
CA SER D 41 17.57 -8.62 6.68
C SER D 41 16.33 -9.23 7.33
N TRP D 42 15.72 -8.49 8.24
CA TRP D 42 14.54 -8.93 8.97
C TRP D 42 13.40 -9.31 8.03
N PHE D 43 13.08 -8.40 7.11
CA PHE D 43 12.00 -8.57 6.16
C PHE D 43 12.14 -9.83 5.31
N VAL D 44 13.34 -10.05 4.77
CA VAL D 44 13.60 -11.23 3.96
C VAL D 44 13.54 -12.51 4.79
N GLN D 45 14.14 -12.48 5.99
CA GLN D 45 14.04 -13.60 6.92
C GLN D 45 12.58 -14.02 7.12
N ALA D 46 11.73 -13.05 7.41
CA ALA D 46 10.33 -13.30 7.69
C ALA D 46 9.59 -13.76 6.44
N LEU D 47 9.85 -13.09 5.32
CA LEU D 47 9.22 -13.42 4.05
C LEU D 47 9.49 -14.86 3.64
N CYS D 48 10.76 -15.25 3.71
CA CYS D 48 11.17 -16.59 3.32
C CYS D 48 10.61 -17.64 4.28
N SER D 49 10.72 -17.36 5.58
CA SER D 49 10.18 -18.24 6.61
C SER D 49 8.72 -18.59 6.37
N ILE D 50 7.91 -17.55 6.13
CA ILE D 50 6.47 -17.73 5.95
C ILE D 50 6.13 -18.36 4.59
N LEU D 51 6.89 -18.02 3.56
CA LEU D 51 6.68 -18.61 2.25
C LEU D 51 6.99 -20.10 2.27
N GLU D 52 8.05 -20.48 2.99
CA GLU D 52 8.39 -21.88 3.18
C GLU D 52 7.24 -22.72 3.72
N GLU D 53 6.51 -22.18 4.69
CA GLU D 53 5.43 -22.94 5.34
C GLU D 53 4.02 -22.63 4.86
N HIS D 54 3.83 -21.56 4.08
CA HIS D 54 2.47 -21.24 3.61
C HIS D 54 2.39 -20.70 2.18
N GLY D 55 3.50 -20.74 1.46
CA GLY D 55 3.57 -20.26 0.09
C GLY D 55 2.51 -20.82 -0.84
N LYS D 56 2.21 -22.11 -0.68
CA LYS D 56 1.32 -22.81 -1.60
C LYS D 56 -0.15 -22.84 -1.17
N ASP D 57 -0.44 -22.46 0.08
CA ASP D 57 -1.82 -22.52 0.55
C ASP D 57 -2.43 -21.20 1.02
N LEU D 58 -1.64 -20.13 1.07
CA LEU D 58 -2.19 -18.83 1.48
C LEU D 58 -2.20 -17.78 0.37
N GLU D 59 -3.17 -16.88 0.45
CA GLU D 59 -3.28 -15.77 -0.49
C GLU D 59 -2.19 -14.75 -0.18
N ILE D 60 -1.76 -14.00 -1.20
CA ILE D 60 -0.58 -13.14 -1.07
C ILE D 60 -0.70 -12.10 0.05
N MET D 61 -1.88 -11.53 0.24
CA MET D 61 -2.08 -10.58 1.34
C MET D 61 -2.03 -11.24 2.72
N GLN D 62 -2.50 -12.48 2.81
CA GLN D 62 -2.39 -13.21 4.07
C GLN D 62 -0.94 -13.47 4.41
N ILE D 63 -0.16 -13.82 3.39
CA ILE D 63 1.26 -14.07 3.56
C ILE D 63 1.99 -12.83 4.05
N LEU D 64 1.77 -11.71 3.35
CA LEU D 64 2.47 -10.47 3.67
C LEU D 64 2.00 -9.85 4.97
N THR D 65 0.76 -10.15 5.38
CA THR D 65 0.26 -9.67 6.65
C THR D 65 0.96 -10.39 7.79
N ARG D 66 1.11 -11.70 7.64
CA ARG D 66 1.87 -12.49 8.60
C ARG D 66 3.34 -12.06 8.62
N VAL D 67 3.86 -11.66 7.47
CA VAL D 67 5.21 -11.13 7.39
C VAL D 67 5.31 -9.83 8.18
N ASN D 68 4.30 -8.98 8.03
CA ASN D 68 4.20 -7.75 8.81
C ASN D 68 4.23 -8.03 10.30
N ASP D 69 3.41 -8.99 10.73
CA ASP D 69 3.34 -9.38 12.13
C ASP D 69 4.68 -9.88 12.67
N ARG D 70 5.35 -10.73 11.91
CA ARG D 70 6.59 -11.34 12.37
C ARG D 70 7.74 -10.34 12.49
N VAL D 71 7.85 -9.44 11.52
CA VAL D 71 8.86 -8.39 11.56
C VAL D 71 8.60 -7.47 12.75
N ALA D 72 7.32 -7.19 12.99
CA ALA D 72 6.91 -6.29 14.05
C ALA D 72 7.17 -6.88 15.43
N ARG D 73 6.89 -8.16 15.61
CA ARG D 73 7.01 -8.80 16.92
C ARG D 73 8.39 -9.41 17.17
N HIS D 74 8.85 -10.26 16.26
CA HIS D 74 10.06 -11.05 16.50
C HIS D 74 11.39 -10.27 16.46
N PHE D 75 11.36 -9.01 16.06
CA PHE D 75 12.63 -8.31 15.85
C PHE D 75 12.77 -7.01 16.64
N GLU D 76 13.98 -6.79 17.16
CA GLU D 76 14.34 -5.56 17.85
C GLU D 76 15.85 -5.37 17.78
N SER D 77 16.27 -4.15 17.42
CA SER D 77 17.68 -3.86 17.22
C SER D 77 18.49 -3.77 18.51
N GLN D 78 19.79 -4.03 18.39
CA GLN D 78 20.76 -3.75 19.45
C GLN D 78 21.97 -3.04 18.90
N SER D 79 22.26 -1.86 19.45
CA SER D 79 23.48 -1.15 19.10
C SER D 79 24.14 -0.62 20.37
N ASP D 80 25.45 -0.38 20.31
CA ASP D 80 26.12 0.29 21.41
C ASP D 80 25.80 1.78 21.35
N ASP D 81 25.59 2.28 20.14
CA ASP D 81 25.03 3.61 19.96
C ASP D 81 23.58 3.57 20.43
N PRO D 82 23.26 4.35 21.47
CA PRO D 82 21.90 4.38 22.03
C PRO D 82 20.87 4.95 21.05
N HIS D 83 21.34 5.74 20.10
CA HIS D 83 20.48 6.31 19.07
C HIS D 83 19.87 5.23 18.18
N PHE D 84 20.54 4.09 18.09
CA PHE D 84 20.08 2.99 17.25
C PHE D 84 19.66 1.77 18.08
N HIS D 85 19.61 1.93 19.39
CA HIS D 85 19.36 0.81 20.28
C HIS D 85 17.86 0.55 20.49
N GLU D 86 17.51 -0.74 20.48
CA GLU D 86 16.14 -1.20 20.79
C GLU D 86 15.07 -0.58 19.91
N LYS D 87 15.38 -0.42 18.63
CA LYS D 87 14.44 0.15 17.66
C LYS D 87 13.65 -0.94 16.93
N LYS D 88 12.55 -0.55 16.30
CA LYS D 88 11.60 -1.50 15.73
C LYS D 88 11.35 -1.24 14.25
N GLN D 89 10.67 -2.18 13.58
CA GLN D 89 10.37 -2.03 12.16
C GLN D 89 9.02 -2.64 11.77
N ILE D 90 8.33 -1.97 10.86
CA ILE D 90 7.09 -2.49 10.29
C ILE D 90 7.14 -2.38 8.76
N PRO D 91 6.86 -3.48 8.05
CA PRO D 91 6.88 -3.40 6.59
C PRO D 91 5.63 -2.71 6.03
N CYS D 92 5.50 -2.68 4.71
CA CYS D 92 4.47 -1.85 4.08
C CYS D 92 4.06 -2.44 2.74
N VAL D 93 2.80 -2.85 2.64
CA VAL D 93 2.29 -3.47 1.42
C VAL D 93 1.40 -2.52 0.64
N VAL D 94 1.73 -2.33 -0.63
CA VAL D 94 0.93 -1.50 -1.51
C VAL D 94 0.33 -2.37 -2.60
N SER D 95 -1.00 -2.44 -2.65
CA SER D 95 -1.67 -3.34 -3.57
C SER D 95 -2.56 -2.64 -4.58
N MET D 96 -2.28 -2.85 -5.86
CA MET D 96 -3.17 -2.44 -6.93
C MET D 96 -3.75 -3.67 -7.63
N LEU D 97 -3.72 -4.80 -6.93
CA LEU D 97 -4.24 -6.05 -7.48
C LEU D 97 -5.76 -5.98 -7.62
N THR D 98 -6.29 -6.68 -8.62
CA THR D 98 -7.73 -6.69 -8.86
C THR D 98 -8.34 -8.05 -8.51
N LYS D 99 -7.49 -9.00 -8.12
CA LYS D 99 -7.93 -10.35 -7.76
C LYS D 99 -7.13 -10.88 -6.58
N GLU D 100 -7.59 -11.99 -6.01
CA GLU D 100 -6.80 -12.71 -5.03
C GLU D 100 -5.71 -13.51 -5.73
N LEU D 101 -4.56 -13.65 -5.08
CA LEU D 101 -3.42 -14.34 -5.69
C LEU D 101 -2.96 -15.53 -4.87
N TYR D 102 -3.12 -16.72 -5.44
CA TYR D 102 -2.56 -17.93 -4.87
C TYR D 102 -1.50 -18.45 -5.82
N PHE D 103 -0.38 -18.92 -5.29
CA PHE D 103 0.69 -19.45 -6.14
C PHE D 103 0.54 -20.94 -6.44
N SER D 104 -0.68 -21.47 -6.38
CA SER D 104 -0.85 -22.91 -6.56
C SER D 104 -2.18 -23.30 -7.24
N GLN D 105 -2.36 -24.60 -7.49
CA GLN D 105 -3.62 -25.18 -8.00
C GLN D 105 -4.06 -24.54 -9.30
N VAL E 2 23.72 -5.44 14.16
CA VAL E 2 22.76 -5.18 13.08
C VAL E 2 22.95 -3.81 12.41
N GLU E 3 22.79 -3.78 11.09
CA GLU E 3 22.98 -2.56 10.31
C GLU E 3 21.70 -2.11 9.62
N ILE E 4 21.78 -1.00 8.89
CA ILE E 4 20.62 -0.43 8.21
C ILE E 4 20.84 -0.28 6.70
N VAL F 2 -18.35 13.66 -15.67
CA VAL F 2 -17.56 13.34 -14.49
C VAL F 2 -16.40 14.32 -14.27
N GLU F 3 -16.06 14.55 -13.01
CA GLU F 3 -15.01 15.51 -12.67
C GLU F 3 -13.85 14.85 -11.94
N ILE F 4 -12.87 15.66 -11.55
CA ILE F 4 -11.69 15.16 -10.84
C ILE F 4 -11.53 15.85 -9.50
#